data_7PQM
#
_entry.id   7PQM
#
_cell.length_a   120.634
_cell.length_b   48.293
_cell.length_c   82.692
_cell.angle_alpha   90.000
_cell.angle_beta   123.850
_cell.angle_gamma   90.000
#
_symmetry.space_group_name_H-M   'C 1 2 1'
#
loop_
_entity.id
_entity.type
_entity.pdbx_description
1 polymer 'DNA gyrase subunit B'
2 non-polymer '2-[[3,4-bis(chloranyl)-5-methyl-1H-pyrrol-2-yl]carbonylamino]-4-[(1S)-1-phenylethoxy]-1,3-benzothiazole-6-carboxylic acid'
3 non-polymer 'CALCIUM ION'
4 water water
#
_entity_poly.entity_id   1
_entity_poly.type   'polypeptide(L)'
_entity_poly.pdbx_seq_one_letter_code
;RGLDAVRKRPGMYIGDTDDGTGLHHMVFEVVDNAIDEALAGHCDEIIVTIHEDESVSVSDNGRGIPTDIHPEEGVSAAEV
ILTILHAGGKFDDNSYKVSGGLHGVGVSVVNALSSKLHLTIYRAGQIHEQEYHHGDPQYPLRVIGETDNTGTTVRFWPSA
ETFSQTIFNVEILARRLRELSFLNAGVRIVLRDERINLEHVYDYEG
;
_entity_poly.pdbx_strand_id   A,B
#
# COMPACT_ATOMS: atom_id res chain seq x y z
N GLY A 2 17.91 18.45 -7.46
CA GLY A 2 19.05 17.47 -7.44
C GLY A 2 18.76 16.27 -6.56
N LEU A 3 17.74 15.47 -6.90
CA LEU A 3 17.25 14.35 -6.04
C LEU A 3 18.08 13.09 -6.28
N ASP A 4 18.91 13.04 -7.32
CA ASP A 4 19.82 11.89 -7.60
C ASP A 4 20.71 11.65 -6.37
N ALA A 5 21.32 12.72 -5.86
CA ALA A 5 22.24 12.67 -4.71
C ALA A 5 21.52 12.08 -3.49
N VAL A 6 20.25 12.46 -3.27
CA VAL A 6 19.42 11.98 -2.11
C VAL A 6 19.23 10.48 -2.25
N ARG A 7 18.77 10.02 -3.42
CA ARG A 7 18.50 8.58 -3.66
C ARG A 7 19.81 7.79 -3.54
N LYS A 8 20.95 8.40 -3.86
CA LYS A 8 22.28 7.74 -3.82
C LYS A 8 22.81 7.66 -2.38
N ARG A 9 22.60 8.69 -1.55
CA ARG A 9 23.05 8.69 -0.12
C ARG A 9 21.95 9.24 0.78
N PRO A 10 20.84 8.49 0.96
CA PRO A 10 19.69 8.97 1.71
C PRO A 10 19.99 9.32 3.17
N GLY A 11 20.89 8.57 3.81
CA GLY A 11 21.27 8.77 5.22
C GLY A 11 21.68 10.20 5.51
N MET A 12 22.26 10.89 4.52
N MET A 12 22.26 10.89 4.52
CA MET A 12 22.77 12.28 4.66
CA MET A 12 22.77 12.28 4.66
C MET A 12 21.62 13.29 4.69
C MET A 12 21.62 13.29 4.69
N TYR A 13 20.40 12.89 4.27
CA TYR A 13 19.25 13.81 4.16
C TYR A 13 18.12 13.42 5.09
N ILE A 14 17.90 12.12 5.36
CA ILE A 14 16.72 11.65 6.16
C ILE A 14 17.17 11.03 7.48
N GLY A 15 18.46 10.69 7.62
CA GLY A 15 19.01 10.06 8.82
C GLY A 15 19.05 8.55 8.66
N ASP A 16 18.99 7.81 9.78
CA ASP A 16 19.31 6.34 9.78
C ASP A 16 18.19 5.58 9.07
N THR A 17 18.54 4.86 8.00
CA THR A 17 17.54 4.16 7.13
C THR A 17 17.25 2.75 7.66
N ASP A 18 17.87 2.35 8.78
CA ASP A 18 17.74 0.97 9.34
C ASP A 18 16.97 0.98 10.66
N ASP A 19 17.19 1.95 11.56
CA ASP A 19 16.77 1.84 12.98
C ASP A 19 15.35 2.41 13.18
N GLY A 20 14.67 2.87 12.12
CA GLY A 20 13.29 3.39 12.19
C GLY A 20 13.23 4.90 12.36
N THR A 21 14.34 5.55 12.71
CA THR A 21 14.37 7.03 12.95
C THR A 21 14.17 7.75 11.62
N GLY A 22 14.97 7.43 10.59
CA GLY A 22 14.83 7.96 9.22
C GLY A 22 13.44 7.70 8.63
N LEU A 23 12.91 6.49 8.80
CA LEU A 23 11.57 6.14 8.29
C LEU A 23 10.53 7.09 8.88
N HIS A 24 10.55 7.32 10.19
CA HIS A 24 9.50 8.16 10.83
C HIS A 24 9.76 9.64 10.54
N HIS A 25 11.01 10.04 10.34
N HIS A 25 11.01 10.04 10.34
CA HIS A 25 11.39 11.41 9.89
CA HIS A 25 11.38 11.41 9.88
C HIS A 25 10.68 11.72 8.56
C HIS A 25 10.68 11.73 8.55
N MET A 26 10.42 10.72 7.72
CA MET A 26 9.68 10.93 6.45
C MET A 26 8.31 11.53 6.77
N VAL A 27 7.59 10.95 7.74
CA VAL A 27 6.23 11.42 8.14
C VAL A 27 6.41 12.78 8.81
N PHE A 28 7.40 12.91 9.69
CA PHE A 28 7.58 14.17 10.47
C PHE A 28 7.84 15.33 9.51
N GLU A 29 8.66 15.13 8.49
CA GLU A 29 8.98 16.19 7.50
C GLU A 29 7.68 16.68 6.84
N VAL A 30 6.80 15.77 6.43
CA VAL A 30 5.51 16.17 5.78
C VAL A 30 4.64 16.90 6.81
N VAL A 31 4.55 16.37 8.04
CA VAL A 31 3.71 16.98 9.11
C VAL A 31 4.25 18.37 9.41
N ASP A 32 5.56 18.56 9.40
CA ASP A 32 6.22 19.85 9.73
C ASP A 32 5.77 20.90 8.72
N ASN A 33 5.61 20.52 7.45
CA ASN A 33 5.11 21.46 6.42
C ASN A 33 3.68 21.90 6.79
N ALA A 34 2.81 20.96 7.17
CA ALA A 34 1.42 21.26 7.62
C ALA A 34 1.47 22.16 8.86
N ILE A 35 2.38 21.89 9.78
CA ILE A 35 2.53 22.68 11.04
C ILE A 35 2.92 24.12 10.66
N ASP A 36 3.84 24.32 9.73
CA ASP A 36 4.23 25.67 9.25
C ASP A 36 3.00 26.42 8.74
N GLU A 37 2.09 25.74 8.04
CA GLU A 37 0.81 26.35 7.58
C GLU A 37 0.00 26.81 8.80
N ALA A 38 0.01 26.04 9.89
CA ALA A 38 -0.72 26.38 11.14
C ALA A 38 -0.05 27.59 11.82
N LEU A 39 1.29 27.63 11.89
CA LEU A 39 2.07 28.73 12.55
C LEU A 39 1.75 30.07 11.86
N ALA A 40 1.58 30.04 10.54
CA ALA A 40 1.31 31.22 9.69
C ALA A 40 -0.17 31.62 9.77
N GLY A 41 -1.00 30.82 10.45
CA GLY A 41 -2.43 31.08 10.71
C GLY A 41 -3.36 30.61 9.59
N HIS A 42 -2.94 29.67 8.74
CA HIS A 42 -3.74 29.23 7.57
C HIS A 42 -4.38 27.86 7.80
N CYS A 43 -3.84 27.06 8.70
CA CYS A 43 -4.23 25.64 8.96
C CYS A 43 -4.62 25.47 10.43
N ASP A 44 -5.77 24.84 10.69
CA ASP A 44 -6.20 24.51 12.07
C ASP A 44 -6.58 23.02 12.18
N GLU A 45 -6.44 22.22 11.12
CA GLU A 45 -6.69 20.76 11.21
C GLU A 45 -5.66 20.01 10.38
N ILE A 46 -5.04 18.99 10.97
CA ILE A 46 -4.08 18.07 10.28
C ILE A 46 -4.52 16.64 10.57
N ILE A 47 -4.72 15.83 9.52
CA ILE A 47 -5.11 14.40 9.63
C ILE A 47 -3.92 13.57 9.11
N VAL A 48 -3.39 12.73 9.98
CA VAL A 48 -2.26 11.80 9.67
C VAL A 48 -2.84 10.38 9.69
N THR A 49 -2.80 9.69 8.56
CA THR A 49 -3.38 8.32 8.44
C THR A 49 -2.26 7.33 8.08
N ILE A 50 -2.16 6.25 8.84
CA ILE A 50 -1.42 5.01 8.45
C ILE A 50 -2.44 4.10 7.75
N HIS A 51 -2.28 3.95 6.45
CA HIS A 51 -3.22 3.14 5.62
C HIS A 51 -2.90 1.65 5.80
N GLU A 52 -3.89 0.82 5.48
CA GLU A 52 -3.79 -0.66 5.53
C GLU A 52 -2.59 -1.10 4.68
N ASP A 53 -2.37 -0.43 3.54
CA ASP A 53 -1.28 -0.75 2.58
C ASP A 53 0.07 -0.29 3.12
N GLU A 54 0.10 0.28 4.33
CA GLU A 54 1.32 0.71 5.05
C GLU A 54 1.77 2.09 4.60
N SER A 55 1.05 2.74 3.67
CA SER A 55 1.33 4.14 3.24
C SER A 55 0.91 5.09 4.36
N VAL A 56 1.39 6.34 4.32
CA VAL A 56 0.92 7.38 5.27
C VAL A 56 0.41 8.57 4.46
N SER A 57 -0.75 9.09 4.83
N SER A 57 -0.76 9.09 4.82
CA SER A 57 -1.33 10.35 4.30
CA SER A 57 -1.31 10.36 4.28
C SER A 57 -1.21 11.43 5.39
C SER A 57 -1.23 11.43 5.37
N VAL A 58 -0.89 12.66 4.97
CA VAL A 58 -0.96 13.88 5.80
C VAL A 58 -1.82 14.86 5.01
N SER A 59 -2.99 15.22 5.56
N SER A 59 -2.99 15.23 5.56
CA SER A 59 -3.90 16.25 5.01
CA SER A 59 -3.88 16.25 4.99
C SER A 59 -3.89 17.50 5.90
C SER A 59 -3.89 17.49 5.89
N ASP A 60 -3.76 18.68 5.31
CA ASP A 60 -3.93 19.96 6.05
C ASP A 60 -5.02 20.77 5.35
N ASN A 61 -5.55 21.77 6.06
CA ASN A 61 -6.57 22.70 5.52
C ASN A 61 -5.94 24.10 5.39
N GLY A 62 -4.65 24.16 5.06
CA GLY A 62 -3.92 25.41 4.78
C GLY A 62 -4.25 26.00 3.42
N ARG A 63 -3.30 26.73 2.84
CA ARG A 63 -3.56 27.51 1.61
C ARG A 63 -3.52 26.60 0.37
N GLY A 64 -2.96 25.39 0.51
CA GLY A 64 -2.63 24.56 -0.67
C GLY A 64 -1.35 25.05 -1.31
N ILE A 65 -0.44 24.13 -1.65
CA ILE A 65 0.84 24.44 -2.34
C ILE A 65 0.50 25.17 -3.64
N PRO A 66 1.20 26.28 -3.98
CA PRO A 66 0.95 26.99 -5.24
C PRO A 66 1.05 26.07 -6.47
N THR A 67 0.15 26.30 -7.42
CA THR A 67 -0.06 25.42 -8.62
C THR A 67 0.36 26.16 -9.91
N ASP A 68 0.45 27.50 -9.87
CA ASP A 68 0.87 28.33 -11.03
C ASP A 68 2.27 27.91 -11.48
N ILE A 69 2.55 28.01 -12.78
CA ILE A 69 3.87 27.64 -13.36
C ILE A 69 4.94 28.55 -12.75
N HIS A 70 6.06 27.94 -12.36
CA HIS A 70 7.29 28.64 -11.92
C HIS A 70 8.10 29.03 -13.14
N PRO A 71 8.21 30.35 -13.46
CA PRO A 71 8.89 30.80 -14.68
C PRO A 71 10.29 30.21 -14.91
N GLU A 72 11.10 30.05 -13.86
CA GLU A 72 12.49 29.56 -14.00
C GLU A 72 12.50 28.09 -14.41
N GLU A 73 11.46 27.33 -14.10
CA GLU A 73 11.45 25.84 -14.18
C GLU A 73 10.50 25.34 -15.28
N GLY A 74 9.48 26.13 -15.66
CA GLY A 74 8.52 25.75 -16.73
C GLY A 74 7.53 24.68 -16.28
N VAL A 75 7.44 24.42 -14.97
CA VAL A 75 6.46 23.46 -14.37
C VAL A 75 5.80 24.11 -13.17
N SER A 76 4.68 23.56 -12.74
CA SER A 76 3.91 23.99 -11.55
C SER A 76 4.87 24.23 -10.37
N ALA A 77 4.61 25.27 -9.56
CA ALA A 77 5.39 25.52 -8.32
C ALA A 77 5.40 24.25 -7.46
N ALA A 78 4.24 23.59 -7.30
CA ALA A 78 4.07 22.33 -6.56
C ALA A 78 5.12 21.30 -7.01
N GLU A 79 5.27 21.10 -8.32
CA GLU A 79 6.28 20.14 -8.83
C GLU A 79 7.69 20.59 -8.44
N VAL A 80 8.01 21.88 -8.53
CA VAL A 80 9.37 22.40 -8.20
C VAL A 80 9.67 22.08 -6.71
N ILE A 81 8.70 22.30 -5.84
CA ILE A 81 8.80 22.04 -4.37
C ILE A 81 9.01 20.54 -4.15
N LEU A 82 8.30 19.70 -4.91
CA LEU A 82 8.32 18.24 -4.67
C LEU A 82 9.54 17.60 -5.33
N THR A 83 10.23 18.28 -6.26
CA THR A 83 11.26 17.61 -7.10
C THR A 83 12.64 18.26 -7.08
N ILE A 84 12.80 19.43 -6.49
CA ILE A 84 14.14 20.11 -6.47
C ILE A 84 14.59 20.31 -5.03
N LEU A 85 15.81 19.91 -4.70
CA LEU A 85 16.34 19.87 -3.30
C LEU A 85 16.35 21.31 -2.74
N VAL A 105 14.36 19.27 5.94
CA VAL A 105 15.09 18.58 4.83
C VAL A 105 14.43 18.92 3.49
N GLY A 106 13.12 19.15 3.53
CA GLY A 106 12.30 19.49 2.36
C GLY A 106 11.46 18.27 1.98
N VAL A 107 10.21 18.50 1.60
CA VAL A 107 9.29 17.39 1.18
C VAL A 107 9.88 16.69 -0.05
N SER A 108 10.74 17.35 -0.81
CA SER A 108 11.39 16.74 -2.01
C SER A 108 12.24 15.52 -1.60
N VAL A 109 12.81 15.53 -0.39
CA VAL A 109 13.59 14.39 0.14
C VAL A 109 12.63 13.22 0.38
N VAL A 110 11.47 13.48 0.97
CA VAL A 110 10.42 12.44 1.22
C VAL A 110 10.04 11.85 -0.15
N ASN A 111 9.82 12.73 -1.13
CA ASN A 111 9.44 12.31 -2.51
C ASN A 111 10.52 11.39 -3.09
N ALA A 112 11.78 11.80 -3.02
CA ALA A 112 12.95 11.09 -3.57
C ALA A 112 13.01 9.66 -3.02
N LEU A 113 12.69 9.48 -1.75
CA LEU A 113 12.89 8.19 -1.03
C LEU A 113 11.57 7.44 -0.91
N SER A 114 10.57 7.84 -1.70
CA SER A 114 9.25 7.17 -1.76
C SER A 114 9.12 6.44 -3.11
N SER A 115 8.79 5.14 -3.07
CA SER A 115 8.50 4.36 -4.29
C SER A 115 7.38 5.08 -5.05
N LYS A 116 6.44 5.67 -4.32
CA LYS A 116 5.30 6.42 -4.89
C LYS A 116 4.88 7.53 -3.94
N LEU A 117 4.49 8.67 -4.51
CA LEU A 117 3.90 9.78 -3.72
C LEU A 117 2.75 10.37 -4.53
N HIS A 118 1.59 10.55 -3.91
CA HIS A 118 0.40 11.18 -4.52
C HIS A 118 0.16 12.53 -3.82
N LEU A 119 0.18 13.61 -4.59
CA LEU A 119 -0.09 15.00 -4.15
C LEU A 119 -1.48 15.41 -4.62
N THR A 120 -2.33 15.84 -3.69
CA THR A 120 -3.60 16.54 -4.01
C THR A 120 -3.53 17.96 -3.43
N ILE A 121 -3.88 18.94 -4.23
CA ILE A 121 -3.95 20.36 -3.77
C ILE A 121 -5.38 20.88 -3.98
N TYR A 122 -5.94 21.50 -2.95
CA TYR A 122 -7.23 22.23 -3.00
C TYR A 122 -6.88 23.71 -2.92
N ARG A 123 -7.04 24.45 -4.03
CA ARG A 123 -6.60 25.87 -4.09
C ARG A 123 -7.36 26.62 -5.18
N ALA A 124 -7.72 27.88 -4.88
CA ALA A 124 -8.37 28.78 -5.86
C ALA A 124 -9.54 28.06 -6.56
N GLY A 125 -10.35 27.30 -5.82
CA GLY A 125 -11.61 26.71 -6.32
C GLY A 125 -11.42 25.39 -7.05
N GLN A 126 -10.18 24.89 -7.17
CA GLN A 126 -9.90 23.70 -8.00
C GLN A 126 -9.12 22.63 -7.22
N ILE A 127 -9.35 21.36 -7.56
CA ILE A 127 -8.58 20.20 -7.05
C ILE A 127 -7.52 19.86 -8.09
N HIS A 128 -6.25 19.87 -7.69
CA HIS A 128 -5.08 19.55 -8.54
C HIS A 128 -4.44 18.27 -8.03
N GLU A 129 -3.84 17.47 -8.92
CA GLU A 129 -3.11 16.26 -8.45
C GLU A 129 -1.89 15.97 -9.32
N GLN A 130 -0.89 15.37 -8.69
CA GLN A 130 0.33 14.85 -9.36
C GLN A 130 0.76 13.57 -8.63
N GLU A 131 1.21 12.57 -9.40
N GLU A 131 1.21 12.57 -9.40
CA GLU A 131 1.79 11.34 -8.82
CA GLU A 131 1.80 11.34 -8.82
C GLU A 131 3.26 11.25 -9.23
C GLU A 131 3.27 11.26 -9.24
N TYR A 132 4.11 10.74 -8.34
CA TYR A 132 5.57 10.56 -8.57
C TYR A 132 5.95 9.12 -8.26
N HIS A 133 7.02 8.65 -8.90
CA HIS A 133 7.65 7.34 -8.60
C HIS A 133 9.14 7.61 -8.35
N HIS A 134 9.62 7.34 -7.14
CA HIS A 134 11.03 7.63 -6.76
C HIS A 134 11.32 9.11 -7.09
N GLY A 135 10.33 9.97 -6.92
CA GLY A 135 10.49 11.43 -7.08
C GLY A 135 10.31 11.93 -8.49
N ASP A 136 10.12 11.02 -9.46
CA ASP A 136 9.93 11.39 -10.89
C ASP A 136 8.44 11.58 -11.16
N PRO A 137 8.02 12.78 -11.63
CA PRO A 137 6.59 13.05 -11.87
C PRO A 137 6.08 12.19 -13.02
N GLN A 138 4.93 11.55 -12.83
CA GLN A 138 4.37 10.62 -13.86
C GLN A 138 3.65 11.43 -14.95
N TYR A 139 3.17 12.62 -14.60
CA TYR A 139 2.45 13.57 -15.48
C TYR A 139 2.49 14.95 -14.82
N PRO A 140 2.31 16.06 -15.57
CA PRO A 140 2.28 17.39 -14.98
C PRO A 140 1.03 17.58 -14.12
N LEU A 141 1.17 18.33 -13.03
CA LEU A 141 0.06 18.66 -12.11
C LEU A 141 -1.19 19.03 -12.91
N ARG A 142 -2.31 18.37 -12.62
CA ARG A 142 -3.54 18.52 -13.45
C ARG A 142 -4.77 18.80 -12.59
N VAL A 143 -5.69 19.60 -13.14
CA VAL A 143 -7.00 19.91 -12.49
C VAL A 143 -7.93 18.73 -12.73
N ILE A 144 -8.51 18.20 -11.66
CA ILE A 144 -9.40 17.00 -11.70
C ILE A 144 -10.79 17.32 -11.13
N GLY A 145 -11.04 18.56 -10.67
CA GLY A 145 -12.38 18.93 -10.18
C GLY A 145 -12.40 20.25 -9.46
N GLU A 146 -13.55 20.59 -8.86
N GLU A 146 -13.54 20.58 -8.87
CA GLU A 146 -13.82 21.88 -8.19
CA GLU A 146 -13.82 21.87 -8.19
C GLU A 146 -13.94 21.62 -6.69
C GLU A 146 -13.94 21.62 -6.69
N THR A 147 -13.68 22.66 -5.90
CA THR A 147 -13.63 22.58 -4.43
C THR A 147 -13.90 23.95 -3.83
N ASP A 148 -14.56 23.99 -2.67
CA ASP A 148 -14.75 25.21 -1.86
C ASP A 148 -13.72 25.22 -0.73
N ASN A 149 -12.79 24.25 -0.72
CA ASN A 149 -11.83 24.07 0.39
C ASN A 149 -10.41 24.42 -0.08
N THR A 150 -9.50 24.63 0.88
CA THR A 150 -8.07 24.84 0.58
C THR A 150 -7.25 23.89 1.44
N GLY A 151 -6.09 23.48 0.94
CA GLY A 151 -5.17 22.60 1.69
C GLY A 151 -4.43 21.65 0.77
N THR A 152 -3.58 20.83 1.38
CA THR A 152 -2.63 19.92 0.72
C THR A 152 -2.79 18.53 1.36
N THR A 153 -2.89 17.50 0.52
CA THR A 153 -2.79 16.08 0.95
C THR A 153 -1.59 15.45 0.26
N VAL A 154 -0.69 14.85 1.04
CA VAL A 154 0.46 14.07 0.55
C VAL A 154 0.30 12.64 1.10
N ARG A 155 0.25 11.66 0.19
CA ARG A 155 0.25 10.24 0.57
C ARG A 155 1.52 9.63 -0.04
N PHE A 156 2.32 8.91 0.76
CA PHE A 156 3.62 8.39 0.28
C PHE A 156 3.87 6.99 0.81
N TRP A 157 4.55 6.22 -0.05
CA TRP A 157 4.98 4.83 0.21
C TRP A 157 6.51 4.84 0.29
N PRO A 158 7.10 4.76 1.51
CA PRO A 158 8.56 4.78 1.64
C PRO A 158 9.20 3.62 0.85
N SER A 159 10.30 3.89 0.14
CA SER A 159 10.97 2.89 -0.73
C SER A 159 11.71 1.84 0.11
N ALA A 160 11.46 0.56 -0.17
CA ALA A 160 12.13 -0.58 0.47
C ALA A 160 13.57 -0.72 -0.04
N GLU A 161 13.94 -0.01 -1.11
CA GLU A 161 15.35 -0.03 -1.60
C GLU A 161 16.16 0.97 -0.76
N THR A 162 15.49 1.90 -0.12
CA THR A 162 16.14 2.89 0.77
C THR A 162 16.07 2.41 2.23
N PHE A 163 14.87 2.01 2.68
CA PHE A 163 14.60 1.67 4.10
C PHE A 163 14.56 0.15 4.28
N SER A 164 15.36 -0.39 5.20
CA SER A 164 15.41 -1.85 5.48
C SER A 164 14.16 -2.28 6.23
N GLN A 165 13.48 -1.32 6.84
CA GLN A 165 12.15 -1.51 7.49
C GLN A 165 11.26 -0.34 7.05
N THR A 166 10.00 -0.61 6.71
CA THR A 166 9.08 0.40 6.10
C THR A 166 7.74 0.46 6.83
N ILE A 167 7.58 -0.28 7.94
CA ILE A 167 6.30 -0.32 8.68
C ILE A 167 6.29 0.80 9.71
N PHE A 168 5.33 1.71 9.61
CA PHE A 168 5.24 2.85 10.56
C PHE A 168 4.68 2.33 11.88
N ASN A 169 5.20 2.90 12.98
CA ASN A 169 4.84 2.56 14.37
C ASN A 169 3.92 3.66 14.87
N VAL A 170 2.68 3.30 15.20
CA VAL A 170 1.62 4.29 15.55
C VAL A 170 2.04 5.01 16.83
N GLU A 171 2.74 4.31 17.72
N GLU A 171 2.72 4.30 17.73
CA GLU A 171 3.17 4.89 19.03
CA GLU A 171 3.18 4.89 19.02
C GLU A 171 4.23 5.98 18.78
C GLU A 171 4.20 5.99 18.77
N ILE A 172 5.12 5.76 17.85
CA ILE A 172 6.18 6.76 17.54
C ILE A 172 5.55 8.00 16.92
N LEU A 173 4.64 7.81 15.95
CA LEU A 173 3.91 8.95 15.35
C LEU A 173 3.10 9.68 16.43
N ALA A 174 2.37 8.95 17.27
CA ALA A 174 1.45 9.54 18.27
C ALA A 174 2.23 10.46 19.22
N ARG A 175 3.40 10.01 19.64
CA ARG A 175 4.21 10.78 20.62
C ARG A 175 4.55 12.14 19.99
N ARG A 176 4.98 12.14 18.73
CA ARG A 176 5.38 13.41 18.06
C ARG A 176 4.15 14.28 17.81
N LEU A 177 3.04 13.70 17.39
CA LEU A 177 1.79 14.48 17.17
C LEU A 177 1.30 15.10 18.49
N ARG A 178 1.43 14.39 19.60
CA ARG A 178 1.09 14.93 20.95
C ARG A 178 1.93 16.17 21.24
N GLU A 179 3.25 16.10 20.98
CA GLU A 179 4.18 17.24 21.13
C GLU A 179 3.71 18.40 20.26
N LEU A 180 3.43 18.13 18.98
CA LEU A 180 3.08 19.21 18.03
C LEU A 180 1.75 19.83 18.44
N SER A 181 0.82 19.05 19.00
CA SER A 181 -0.52 19.54 19.44
C SER A 181 -0.30 20.48 20.61
N PHE A 182 0.57 20.07 21.52
CA PHE A 182 0.96 20.87 22.71
C PHE A 182 1.58 22.21 22.24
N LEU A 183 2.52 22.15 21.30
CA LEU A 183 3.29 23.32 20.80
C LEU A 183 2.47 24.18 19.82
N ASN A 184 1.35 23.67 19.31
CA ASN A 184 0.48 24.38 18.34
C ASN A 184 -0.98 24.19 18.79
N ALA A 185 -1.42 24.96 19.80
CA ALA A 185 -2.67 24.69 20.56
C ALA A 185 -3.93 24.90 19.71
N GLY A 186 -3.84 25.70 18.65
CA GLY A 186 -4.98 26.03 17.77
C GLY A 186 -5.23 24.96 16.71
N VAL A 187 -4.36 23.96 16.61
CA VAL A 187 -4.43 22.89 15.56
C VAL A 187 -5.03 21.61 16.15
N ARG A 188 -6.09 21.11 15.51
CA ARG A 188 -6.68 19.78 15.77
C ARG A 188 -5.88 18.77 14.95
N ILE A 189 -5.17 17.86 15.63
CA ILE A 189 -4.33 16.83 14.97
C ILE A 189 -5.04 15.50 15.15
N VAL A 190 -5.48 14.90 14.04
CA VAL A 190 -6.15 13.56 14.04
C VAL A 190 -5.12 12.54 13.58
N LEU A 191 -4.97 11.47 14.35
CA LEU A 191 -4.13 10.29 13.99
C LEU A 191 -5.07 9.12 13.74
N ARG A 192 -4.94 8.49 12.57
CA ARG A 192 -5.70 7.28 12.21
C ARG A 192 -4.72 6.17 11.87
N ASP A 193 -4.97 4.98 12.40
CA ASP A 193 -4.24 3.74 12.02
C ASP A 193 -5.29 2.75 11.52
N GLU A 194 -5.44 2.63 10.21
CA GLU A 194 -6.46 1.73 9.59
C GLU A 194 -6.18 0.26 9.94
N ARG A 195 -4.91 -0.08 10.18
CA ARG A 195 -4.50 -1.48 10.44
C ARG A 195 -5.15 -2.00 11.74
N ILE A 196 -5.45 -1.11 12.71
CA ILE A 196 -6.06 -1.50 14.02
C ILE A 196 -7.32 -0.66 14.29
N ASN A 197 -7.86 0.02 13.28
CA ASN A 197 -9.08 0.86 13.42
C ASN A 197 -8.91 1.82 14.61
N LEU A 198 -7.75 2.45 14.73
CA LEU A 198 -7.45 3.46 15.78
C LEU A 198 -7.70 4.87 15.24
N GLU A 199 -8.35 5.72 16.05
CA GLU A 199 -8.39 7.19 15.81
C GLU A 199 -8.13 7.89 17.15
N HIS A 200 -7.11 8.74 17.20
CA HIS A 200 -6.84 9.65 18.35
C HIS A 200 -6.90 11.11 17.88
N VAL A 201 -7.56 11.97 18.65
CA VAL A 201 -7.63 13.44 18.39
C VAL A 201 -6.79 14.16 19.44
N TYR A 202 -5.71 14.82 19.00
CA TYR A 202 -4.84 15.70 19.83
C TYR A 202 -5.24 17.15 19.56
N ASP A 203 -5.78 17.83 20.57
CA ASP A 203 -6.24 19.23 20.43
C ASP A 203 -6.12 19.89 21.81
N TYR A 204 -5.09 20.73 21.99
CA TYR A 204 -4.87 21.54 23.21
C TYR A 204 -5.84 22.73 23.20
N LEU B 3 13.78 -15.43 -2.14
CA LEU B 3 12.84 -14.35 -2.57
C LEU B 3 13.62 -13.15 -3.11
N ASP B 4 14.87 -12.98 -2.68
CA ASP B 4 15.76 -11.91 -3.19
C ASP B 4 15.92 -12.08 -4.71
N ALA B 5 16.18 -13.30 -5.16
CA ALA B 5 16.33 -13.65 -6.60
C ALA B 5 15.12 -13.15 -7.40
N VAL B 6 13.92 -13.35 -6.85
CA VAL B 6 12.63 -13.01 -7.53
C VAL B 6 12.57 -11.47 -7.65
N ARG B 7 12.79 -10.75 -6.56
CA ARG B 7 12.78 -9.26 -6.59
C ARG B 7 13.86 -8.73 -7.53
N LYS B 8 15.00 -9.43 -7.67
CA LYS B 8 16.16 -8.99 -8.49
C LYS B 8 15.87 -9.20 -9.98
N ARG B 9 15.16 -10.29 -10.34
CA ARG B 9 14.76 -10.55 -11.75
C ARG B 9 13.30 -11.01 -11.79
N PRO B 10 12.33 -10.12 -11.50
CA PRO B 10 10.92 -10.51 -11.43
C PRO B 10 10.37 -11.01 -12.76
N GLY B 11 10.86 -10.46 -13.87
CA GLY B 11 10.52 -10.87 -15.26
C GLY B 11 10.58 -12.37 -15.45
N MET B 12 11.60 -13.01 -14.86
CA MET B 12 11.90 -14.46 -14.97
C MET B 12 10.85 -15.30 -14.24
N TYR B 13 10.07 -14.72 -13.30
CA TYR B 13 9.12 -15.49 -12.46
C TYR B 13 7.68 -15.11 -12.77
N ILE B 14 7.39 -13.84 -13.03
CA ILE B 14 5.99 -13.34 -13.14
C ILE B 14 5.70 -12.83 -14.55
N GLY B 15 6.73 -12.58 -15.36
CA GLY B 15 6.59 -11.96 -16.70
C GLY B 15 6.81 -10.46 -16.65
N ASP B 16 6.33 -9.75 -17.67
CA ASP B 16 6.64 -8.32 -17.91
C ASP B 16 6.05 -7.43 -16.80
N THR B 17 6.90 -6.65 -16.15
CA THR B 17 6.50 -5.80 -14.99
C THR B 17 6.03 -4.42 -15.43
N ASP B 18 6.00 -4.12 -16.74
CA ASP B 18 5.65 -2.79 -17.28
C ASP B 18 4.31 -2.83 -18.04
N ASP B 19 4.05 -3.87 -18.83
CA ASP B 19 2.95 -3.86 -19.84
C ASP B 19 1.61 -4.34 -19.26
N GLY B 20 1.54 -4.65 -17.96
CA GLY B 20 0.31 -5.09 -17.28
C GLY B 20 0.16 -6.62 -17.24
N THR B 21 0.96 -7.36 -18.01
CA THR B 21 0.80 -8.85 -18.10
C THR B 21 1.28 -9.50 -16.80
N GLY B 22 2.49 -9.17 -16.35
CA GLY B 22 3.04 -9.63 -15.06
C GLY B 22 2.19 -9.19 -13.87
N LEU B 23 1.69 -7.95 -13.87
CA LEU B 23 0.79 -7.43 -12.81
C LEU B 23 -0.41 -8.37 -12.68
N HIS B 24 -1.08 -8.71 -13.78
CA HIS B 24 -2.33 -9.50 -13.68
C HIS B 24 -2.00 -10.98 -13.41
N HIS B 25 -0.83 -11.45 -13.84
CA HIS B 25 -0.32 -12.81 -13.53
C HIS B 25 -0.25 -13.01 -12.01
N MET B 26 0.01 -11.92 -11.26
CA MET B 26 0.04 -11.97 -9.76
C MET B 26 -1.30 -12.50 -9.26
N VAL B 27 -2.41 -11.95 -9.76
CA VAL B 27 -3.77 -12.35 -9.32
C VAL B 27 -4.02 -13.77 -9.87
N PHE B 28 -3.64 -14.02 -11.11
CA PHE B 28 -3.88 -15.35 -11.74
C PHE B 28 -3.23 -16.46 -10.92
N GLU B 29 -1.98 -16.26 -10.49
CA GLU B 29 -1.23 -17.27 -9.70
C GLU B 29 -2.01 -17.57 -8.40
N VAL B 30 -2.52 -16.55 -7.72
CA VAL B 30 -3.26 -16.76 -6.44
C VAL B 30 -4.56 -17.51 -6.76
N VAL B 31 -5.27 -17.12 -7.83
CA VAL B 31 -6.57 -17.75 -8.19
C VAL B 31 -6.30 -19.23 -8.50
N ASP B 32 -5.18 -19.52 -9.18
CA ASP B 32 -4.86 -20.90 -9.63
C ASP B 32 -4.67 -21.79 -8.38
N ASN B 33 -4.11 -21.24 -7.30
CA ASN B 33 -3.99 -22.00 -6.03
C ASN B 33 -5.38 -22.35 -5.51
N ALA B 34 -6.34 -21.41 -5.53
CA ALA B 34 -7.72 -21.66 -5.08
C ALA B 34 -8.36 -22.71 -6.00
N ILE B 35 -8.08 -22.64 -7.31
CA ILE B 35 -8.63 -23.60 -8.30
C ILE B 35 -8.09 -25.00 -7.96
N ASP B 36 -6.80 -25.14 -7.68
CA ASP B 36 -6.18 -26.44 -7.26
C ASP B 36 -6.93 -27.01 -6.05
N GLU B 37 -7.31 -26.17 -5.09
CA GLU B 37 -8.05 -26.58 -3.87
C GLU B 37 -9.45 -27.08 -4.26
N ALA B 38 -10.04 -26.49 -5.29
CA ALA B 38 -11.35 -26.89 -5.84
C ALA B 38 -11.21 -28.24 -6.54
N LEU B 39 -10.16 -28.42 -7.35
CA LEU B 39 -9.99 -29.66 -8.18
C LEU B 39 -9.74 -30.85 -7.24
N ALA B 40 -9.13 -30.61 -6.07
CA ALA B 40 -8.84 -31.63 -5.02
C ALA B 40 -10.13 -31.97 -4.23
N GLY B 41 -11.21 -31.23 -4.47
CA GLY B 41 -12.53 -31.49 -3.89
C GLY B 41 -12.77 -30.81 -2.55
N HIS B 42 -11.98 -29.79 -2.18
CA HIS B 42 -12.08 -29.14 -0.84
C HIS B 42 -12.81 -27.79 -0.94
N CYS B 43 -12.73 -27.14 -2.10
CA CYS B 43 -13.24 -25.77 -2.35
C CYS B 43 -14.31 -25.80 -3.44
N ASP B 44 -15.42 -25.10 -3.25
CA ASP B 44 -16.45 -24.95 -4.31
C ASP B 44 -16.84 -23.47 -4.50
N GLU B 45 -16.22 -22.54 -3.76
CA GLU B 45 -16.49 -21.10 -3.98
C GLU B 45 -15.19 -20.32 -3.87
N ILE B 46 -14.96 -19.41 -4.83
CA ILE B 46 -13.76 -18.54 -4.88
C ILE B 46 -14.23 -17.11 -5.09
N ILE B 47 -13.82 -16.19 -4.21
CA ILE B 47 -14.22 -14.76 -4.29
C ILE B 47 -12.96 -13.93 -4.55
N VAL B 48 -12.96 -13.22 -5.68
CA VAL B 48 -11.83 -12.34 -6.09
C VAL B 48 -12.33 -10.91 -5.96
N THR B 49 -11.69 -10.11 -5.09
CA THR B 49 -12.14 -8.73 -4.83
C THR B 49 -11.01 -7.77 -5.20
N ILE B 50 -11.32 -6.76 -6.01
CA ILE B 50 -10.46 -5.58 -6.22
C ILE B 50 -10.94 -4.53 -5.23
N HIS B 51 -10.10 -4.24 -4.22
CA HIS B 51 -10.47 -3.30 -3.14
C HIS B 51 -10.31 -1.85 -3.62
N GLU B 52 -11.03 -0.95 -2.96
CA GLU B 52 -10.94 0.52 -3.19
C GLU B 52 -9.47 0.97 -3.15
N ASP B 53 -8.66 0.39 -2.24
CA ASP B 53 -7.23 0.76 -2.06
C ASP B 53 -6.34 0.06 -3.11
N GLU B 54 -6.94 -0.60 -4.10
CA GLU B 54 -6.25 -1.13 -5.32
C GLU B 54 -5.62 -2.50 -5.05
N SER B 55 -5.78 -3.04 -3.84
CA SER B 55 -5.32 -4.39 -3.48
C SER B 55 -6.29 -5.40 -4.10
N VAL B 56 -5.88 -6.66 -4.18
CA VAL B 56 -6.80 -7.75 -4.58
C VAL B 56 -6.83 -8.81 -3.49
N SER B 57 -8.02 -9.31 -3.15
N SER B 57 -8.03 -9.31 -3.16
CA SER B 57 -8.23 -10.47 -2.24
CA SER B 57 -8.22 -10.46 -2.26
C SER B 57 -8.71 -11.66 -3.07
C SER B 57 -8.74 -11.67 -3.05
N VAL B 58 -8.20 -12.86 -2.77
CA VAL B 58 -8.71 -14.15 -3.30
C VAL B 58 -9.03 -15.00 -2.08
N SER B 59 -10.31 -15.30 -1.87
N SER B 59 -10.31 -15.29 -1.87
CA SER B 59 -10.78 -16.17 -0.76
CA SER B 59 -10.79 -16.17 -0.77
C SER B 59 -11.26 -17.51 -1.32
C SER B 59 -11.24 -17.52 -1.36
N ASP B 60 -10.91 -18.59 -0.70
CA ASP B 60 -11.42 -19.96 -1.01
C ASP B 60 -12.04 -20.53 0.27
N ASN B 61 -12.90 -21.54 0.12
CA ASN B 61 -13.55 -22.26 1.25
C ASN B 61 -13.00 -23.69 1.31
N GLY B 62 -11.72 -23.87 0.98
CA GLY B 62 -10.94 -25.11 1.11
C GLY B 62 -10.57 -25.44 2.54
N ARG B 63 -9.47 -26.17 2.72
CA ARG B 63 -9.07 -26.79 4.00
C ARG B 63 -8.44 -25.73 4.90
N GLY B 64 -7.98 -24.62 4.31
CA GLY B 64 -7.02 -23.71 4.96
C GLY B 64 -5.62 -24.29 4.90
N ILE B 65 -4.63 -23.46 4.57
CA ILE B 65 -3.18 -23.82 4.63
C ILE B 65 -2.86 -24.26 6.06
N PRO B 66 -2.11 -25.38 6.25
CA PRO B 66 -1.69 -25.81 7.59
C PRO B 66 -0.96 -24.70 8.39
N THR B 67 -1.28 -24.65 9.68
CA THR B 67 -0.80 -23.60 10.62
C THR B 67 0.27 -24.13 11.60
N ASP B 68 0.34 -25.43 11.82
CA ASP B 68 1.31 -26.07 12.74
C ASP B 68 2.73 -25.77 12.27
N ILE B 69 3.68 -25.71 13.20
CA ILE B 69 5.13 -25.53 12.88
C ILE B 69 5.58 -26.69 12.00
N HIS B 70 6.34 -26.37 10.95
CA HIS B 70 7.01 -27.36 10.06
C HIS B 70 8.36 -27.68 10.68
N PRO B 71 8.57 -28.90 11.22
CA PRO B 71 9.80 -29.22 11.97
C PRO B 71 11.11 -28.91 11.24
N GLU B 72 11.17 -29.12 9.92
CA GLU B 72 12.39 -28.91 9.11
C GLU B 72 12.71 -27.42 9.03
N GLU B 73 11.73 -26.53 9.21
CA GLU B 73 11.89 -25.08 8.95
C GLU B 73 11.83 -24.28 10.27
N GLY B 74 11.12 -24.77 11.29
CA GLY B 74 11.00 -24.08 12.59
C GLY B 74 10.05 -22.89 12.53
N VAL B 75 9.23 -22.81 11.48
CA VAL B 75 8.15 -21.78 11.34
C VAL B 75 6.88 -22.47 10.88
N SER B 76 5.74 -21.77 10.99
CA SER B 76 4.41 -22.29 10.57
C SER B 76 4.51 -22.85 9.13
N ALA B 77 3.80 -23.94 8.83
CA ALA B 77 3.74 -24.50 7.46
C ALA B 77 3.32 -23.40 6.47
N ALA B 78 2.30 -22.63 6.83
CA ALA B 78 1.80 -21.49 6.01
C ALA B 78 2.95 -20.55 5.64
N GLU B 79 3.80 -20.18 6.60
CA GLU B 79 4.94 -19.29 6.32
C GLU B 79 5.90 -19.95 5.32
N VAL B 80 6.18 -21.25 5.48
CA VAL B 80 7.11 -21.97 4.57
C VAL B 80 6.58 -21.85 3.13
N ILE B 81 5.28 -22.05 2.94
CA ILE B 81 4.62 -22.01 1.59
C ILE B 81 4.70 -20.58 1.04
N LEU B 82 4.52 -19.56 1.91
CA LEU B 82 4.46 -18.15 1.48
C LEU B 82 5.86 -17.58 1.26
N THR B 83 6.91 -18.20 1.82
CA THR B 83 8.25 -17.55 1.87
C THR B 83 9.35 -18.41 1.26
N ILE B 84 9.14 -19.72 1.08
CA ILE B 84 10.23 -20.62 0.61
C ILE B 84 9.76 -21.29 -0.69
N LEU B 85 10.42 -20.98 -1.81
CA LEU B 85 10.01 -21.37 -3.19
C LEU B 85 9.61 -22.86 -3.24
N HIS B 103 3.65 -27.89 -11.46
CA HIS B 103 3.12 -26.90 -10.48
C HIS B 103 3.37 -25.48 -10.99
N GLY B 104 2.54 -24.49 -10.61
CA GLY B 104 2.69 -23.07 -10.99
C GLY B 104 3.95 -22.46 -10.41
N VAL B 105 4.10 -21.13 -10.47
CA VAL B 105 5.34 -20.45 -9.99
C VAL B 105 5.38 -20.52 -8.46
N GLY B 106 4.21 -20.42 -7.83
CA GLY B 106 4.06 -20.49 -6.36
C GLY B 106 3.65 -19.15 -5.80
N VAL B 107 2.76 -19.19 -4.80
CA VAL B 107 2.27 -17.96 -4.11
C VAL B 107 3.46 -17.21 -3.48
N SER B 108 4.58 -17.88 -3.19
CA SER B 108 5.79 -17.21 -2.64
C SER B 108 6.31 -16.14 -3.61
N VAL B 109 6.19 -16.35 -4.92
CA VAL B 109 6.59 -15.33 -5.93
C VAL B 109 5.68 -14.10 -5.80
N VAL B 110 4.37 -14.29 -5.62
CA VAL B 110 3.39 -13.18 -5.45
C VAL B 110 3.81 -12.42 -4.18
N ASN B 111 4.11 -13.17 -3.12
CA ASN B 111 4.54 -12.57 -1.82
C ASN B 111 5.78 -11.71 -2.04
N ALA B 112 6.80 -12.25 -2.71
CA ALA B 112 8.10 -11.56 -2.96
C ALA B 112 7.89 -10.22 -3.67
N LEU B 113 6.93 -10.15 -4.60
CA LEU B 113 6.72 -8.97 -5.48
C LEU B 113 5.55 -8.12 -4.96
N SER B 114 5.08 -8.38 -3.74
CA SER B 114 4.02 -7.58 -3.08
C SER B 114 4.62 -6.70 -1.98
N SER B 115 4.34 -5.40 -2.02
CA SER B 115 4.74 -4.45 -0.95
C SER B 115 4.13 -4.94 0.36
N LYS B 116 2.94 -5.53 0.29
CA LYS B 116 2.26 -6.14 1.45
C LYS B 116 1.40 -7.33 0.99
N LEU B 117 1.40 -8.39 1.77
CA LEU B 117 0.47 -9.53 1.59
C LEU B 117 -0.07 -9.91 2.96
N HIS B 118 -1.39 -10.02 3.06
CA HIS B 118 -2.10 -10.42 4.29
C HIS B 118 -2.71 -11.81 4.06
N LEU B 119 -2.24 -12.80 4.82
CA LEU B 119 -2.73 -14.21 4.80
C LEU B 119 -3.67 -14.43 5.98
N THR B 120 -4.90 -14.86 5.71
CA THR B 120 -5.87 -15.28 6.75
C THR B 120 -6.23 -16.74 6.49
N ILE B 121 -6.14 -17.55 7.54
CA ILE B 121 -6.46 -19.01 7.45
C ILE B 121 -7.59 -19.32 8.42
N TYR B 122 -8.63 -20.01 7.94
CA TYR B 122 -9.73 -20.53 8.77
C TYR B 122 -9.55 -22.05 8.77
N ARG B 123 -9.21 -22.63 9.92
CA ARG B 123 -8.88 -24.08 9.99
C ARG B 123 -8.94 -24.58 11.43
N ALA B 124 -9.46 -25.79 11.63
CA ALA B 124 -9.43 -26.49 12.93
C ALA B 124 -9.95 -25.54 14.02
N GLY B 125 -11.04 -24.82 13.73
CA GLY B 125 -11.80 -24.03 14.72
C GLY B 125 -11.23 -22.64 14.95
N GLN B 126 -10.11 -22.28 14.32
CA GLN B 126 -9.44 -21.00 14.64
C GLN B 126 -9.16 -20.17 13.38
N ILE B 127 -9.06 -18.85 13.58
CA ILE B 127 -8.62 -17.87 12.56
C ILE B 127 -7.16 -17.54 12.83
N HIS B 128 -6.29 -17.79 11.85
CA HIS B 128 -4.85 -17.43 11.89
C HIS B 128 -4.59 -16.31 10.88
N GLU B 129 -3.64 -15.43 11.17
CA GLU B 129 -3.20 -14.42 10.18
C GLU B 129 -1.68 -14.21 10.26
N GLN B 130 -1.12 -13.84 9.12
CA GLN B 130 0.27 -13.38 8.97
C GLN B 130 0.29 -12.26 7.94
N GLU B 131 1.08 -11.21 8.21
CA GLU B 131 1.31 -10.12 7.24
C GLU B 131 2.77 -10.15 6.84
N TYR B 132 3.04 -9.87 5.57
CA TYR B 132 4.40 -9.82 4.99
C TYR B 132 4.58 -8.51 4.25
N HIS B 133 5.81 -8.06 4.13
CA HIS B 133 6.21 -6.83 3.40
C HIS B 133 7.39 -7.22 2.52
N HIS B 134 7.20 -7.17 1.19
CA HIS B 134 8.24 -7.60 0.23
C HIS B 134 8.67 -9.04 0.57
N GLY B 135 7.73 -9.86 1.06
CA GLY B 135 7.95 -11.31 1.29
C GLY B 135 8.44 -11.61 2.69
N ASP B 136 8.77 -10.58 3.47
CA ASP B 136 9.32 -10.75 4.84
C ASP B 136 8.19 -10.75 5.85
N PRO B 137 8.04 -11.82 6.66
CA PRO B 137 6.97 -11.90 7.66
C PRO B 137 7.16 -10.81 8.73
N GLN B 138 6.10 -10.05 9.02
CA GLN B 138 6.13 -9.00 10.08
C GLN B 138 6.16 -9.65 11.46
N TYR B 139 5.49 -10.79 11.59
CA TYR B 139 5.32 -11.53 12.87
C TYR B 139 5.00 -12.98 12.53
N PRO B 140 5.21 -13.91 13.47
CA PRO B 140 4.84 -15.31 13.26
C PRO B 140 3.31 -15.40 13.17
N LEU B 141 2.86 -16.34 12.33
CA LEU B 141 1.43 -16.65 12.19
C LEU B 141 0.76 -16.68 13.56
N ARG B 142 -0.33 -15.94 13.72
CA ARG B 142 -0.98 -15.75 15.03
C ARG B 142 -2.47 -16.06 14.97
N VAL B 143 -2.98 -16.62 16.06
CA VAL B 143 -4.43 -16.85 16.32
C VAL B 143 -5.08 -15.51 16.65
N ILE B 144 -6.15 -15.16 15.93
CA ILE B 144 -6.88 -13.88 16.16
C ILE B 144 -8.38 -14.14 16.40
N GLY B 145 -8.84 -15.39 16.41
CA GLY B 145 -10.26 -15.66 16.70
C GLY B 145 -10.65 -17.11 16.48
N GLU B 146 -11.95 -17.37 16.62
CA GLU B 146 -12.56 -18.72 16.44
C GLU B 146 -13.42 -18.69 15.19
N THR B 147 -13.67 -19.85 14.59
CA THR B 147 -14.44 -19.98 13.33
C THR B 147 -15.03 -21.39 13.21
N ASP B 148 -16.19 -21.51 12.57
CA ASP B 148 -16.80 -22.82 12.20
C ASP B 148 -16.51 -23.10 10.72
N ASN B 149 -15.72 -22.24 10.07
CA ASN B 149 -15.47 -22.32 8.60
C ASN B 149 -14.03 -22.74 8.32
N THR B 150 -13.75 -23.15 7.08
CA THR B 150 -12.39 -23.52 6.64
C THR B 150 -12.11 -22.78 5.32
N GLY B 151 -10.85 -22.45 5.09
CA GLY B 151 -10.44 -21.75 3.85
C GLY B 151 -9.25 -20.84 4.07
N THR B 152 -8.78 -20.27 2.97
CA THR B 152 -7.58 -19.42 2.89
C THR B 152 -7.98 -18.13 2.18
N THR B 153 -7.58 -16.99 2.74
CA THR B 153 -7.74 -15.68 2.07
C THR B 153 -6.34 -15.09 1.91
N VAL B 154 -6.00 -14.65 0.71
CA VAL B 154 -4.73 -13.94 0.40
C VAL B 154 -5.10 -12.59 -0.17
N ARG B 155 -4.70 -11.50 0.52
CA ARG B 155 -4.89 -10.11 0.02
C ARG B 155 -3.50 -9.52 -0.20
N PHE B 156 -3.24 -8.93 -1.37
CA PHE B 156 -1.88 -8.49 -1.74
C PHE B 156 -1.95 -7.16 -2.49
N TRP B 157 -0.91 -6.38 -2.22
CA TRP B 157 -0.61 -5.07 -2.84
C TRP B 157 0.63 -5.27 -3.70
N PRO B 158 0.51 -5.31 -5.03
CA PRO B 158 1.69 -5.42 -5.89
C PRO B 158 2.67 -4.26 -5.61
N SER B 159 3.96 -4.55 -5.56
CA SER B 159 5.00 -3.55 -5.20
C SER B 159 5.19 -2.55 -6.32
N ALA B 160 5.18 -1.25 -5.97
CA ALA B 160 5.46 -0.15 -6.92
C ALA B 160 6.95 -0.11 -7.29
N GLU B 161 7.78 -0.88 -6.57
CA GLU B 161 9.23 -0.95 -6.84
C GLU B 161 9.48 -1.99 -7.91
N THR B 162 8.55 -2.93 -8.07
CA THR B 162 8.64 -4.00 -9.10
C THR B 162 7.84 -3.58 -10.33
N PHE B 163 6.60 -3.16 -10.13
CA PHE B 163 5.64 -2.86 -11.22
C PHE B 163 5.56 -1.36 -11.47
N SER B 164 5.74 -0.94 -12.72
CA SER B 164 5.70 0.50 -13.11
C SER B 164 4.25 0.98 -13.10
N GLN B 165 3.30 0.04 -13.14
CA GLN B 165 1.85 0.31 -12.97
C GLN B 165 1.29 -0.81 -12.09
N THR B 166 0.40 -0.48 -11.16
CA THR B 166 -0.09 -1.41 -10.11
C THR B 166 -1.63 -1.45 -10.05
N ILE B 167 -2.33 -0.73 -10.94
CA ILE B 167 -3.82 -0.68 -10.94
C ILE B 167 -4.35 -1.87 -11.74
N PHE B 168 -5.15 -2.72 -11.09
CA PHE B 168 -5.73 -3.90 -11.76
C PHE B 168 -6.88 -3.46 -12.69
N ASN B 169 -6.99 -4.14 -13.82
CA ASN B 169 -8.04 -3.95 -14.86
C ASN B 169 -9.11 -5.03 -14.68
N VAL B 170 -10.34 -4.63 -14.35
CA VAL B 170 -11.42 -5.59 -13.97
C VAL B 170 -11.73 -6.46 -15.19
N GLU B 171 -11.56 -5.91 -16.40
CA GLU B 171 -11.85 -6.66 -17.65
C GLU B 171 -10.84 -7.80 -17.82
N ILE B 172 -9.57 -7.56 -17.55
CA ILE B 172 -8.52 -8.62 -17.68
C ILE B 172 -8.76 -9.70 -16.64
N LEU B 173 -9.11 -9.34 -15.40
CA LEU B 173 -9.46 -10.35 -14.37
C LEU B 173 -10.74 -11.11 -14.77
N ALA B 174 -11.78 -10.40 -15.22
CA ALA B 174 -13.09 -10.99 -15.56
C ALA B 174 -12.90 -12.03 -16.66
N ARG B 175 -12.07 -11.71 -17.66
CA ARG B 175 -11.85 -12.60 -18.82
C ARG B 175 -11.27 -13.93 -18.32
N ARG B 176 -10.30 -13.87 -17.39
CA ARG B 176 -9.66 -15.09 -16.86
C ARG B 176 -10.65 -15.87 -15.99
N LEU B 177 -11.41 -15.18 -15.12
CA LEU B 177 -12.37 -15.86 -14.23
C LEU B 177 -13.46 -16.55 -15.07
N ARG B 178 -13.89 -15.89 -16.15
CA ARG B 178 -14.89 -16.47 -17.09
C ARG B 178 -14.34 -17.78 -17.67
N GLU B 179 -13.07 -17.79 -18.12
CA GLU B 179 -12.39 -19.01 -18.65
C GLU B 179 -12.40 -20.09 -17.58
N LEU B 180 -11.97 -19.76 -16.36
CA LEU B 180 -11.86 -20.77 -15.28
C LEU B 180 -13.26 -21.33 -14.96
N SER B 181 -14.30 -20.51 -15.01
CA SER B 181 -15.69 -20.91 -14.67
C SER B 181 -16.16 -21.90 -15.75
N PHE B 182 -15.84 -21.56 -16.99
CA PHE B 182 -16.14 -22.41 -18.18
C PHE B 182 -15.44 -23.77 -18.06
N LEU B 183 -14.15 -23.76 -17.68
CA LEU B 183 -13.30 -24.99 -17.57
C LEU B 183 -13.59 -25.74 -16.26
N ASN B 184 -14.24 -25.12 -15.27
CA ASN B 184 -14.50 -25.72 -13.93
C ASN B 184 -15.94 -25.42 -13.50
N ALA B 185 -16.91 -26.16 -14.04
CA ALA B 185 -18.36 -25.84 -13.99
C ALA B 185 -18.93 -25.99 -12.57
N GLY B 186 -18.27 -26.75 -11.70
CA GLY B 186 -18.72 -27.00 -10.32
C GLY B 186 -18.32 -25.89 -9.35
N VAL B 187 -17.53 -24.92 -9.80
CA VAL B 187 -16.92 -23.87 -8.91
C VAL B 187 -17.68 -22.55 -9.09
N ARG B 188 -18.18 -21.97 -8.00
CA ARG B 188 -18.81 -20.63 -8.01
C ARG B 188 -17.68 -19.59 -7.87
N ILE B 189 -17.47 -18.77 -8.90
CA ILE B 189 -16.38 -17.75 -8.89
C ILE B 189 -17.05 -16.38 -8.84
N VAL B 190 -16.83 -15.64 -7.74
CA VAL B 190 -17.44 -14.29 -7.55
C VAL B 190 -16.33 -13.27 -7.82
N LEU B 191 -16.63 -12.28 -8.67
CA LEU B 191 -15.74 -11.13 -8.94
C LEU B 191 -16.40 -9.89 -8.35
N ARG B 192 -15.66 -9.18 -7.51
CA ARG B 192 -16.10 -7.89 -6.94
C ARG B 192 -15.06 -6.83 -7.31
N ASP B 193 -15.53 -5.69 -7.81
CA ASP B 193 -14.71 -4.47 -7.98
C ASP B 193 -15.35 -3.38 -7.11
N GLU B 194 -14.80 -3.13 -5.93
CA GLU B 194 -15.32 -2.11 -4.98
C GLU B 194 -15.26 -0.71 -5.60
N ARG B 195 -14.31 -0.49 -6.52
CA ARG B 195 -14.06 0.86 -7.12
C ARG B 195 -15.27 1.30 -7.96
N ILE B 196 -16.04 0.35 -8.52
CA ILE B 196 -17.24 0.65 -9.36
C ILE B 196 -18.48 -0.10 -8.85
N ASN B 197 -18.43 -0.62 -7.63
CA ASN B 197 -19.55 -1.37 -7.00
C ASN B 197 -20.05 -2.44 -7.98
N LEU B 198 -19.12 -3.18 -8.59
CA LEU B 198 -19.43 -4.31 -9.49
C LEU B 198 -19.36 -5.63 -8.70
N GLU B 199 -20.36 -6.49 -8.87
CA GLU B 199 -20.27 -7.94 -8.51
C GLU B 199 -20.79 -8.77 -9.68
N HIS B 200 -19.97 -9.69 -10.20
CA HIS B 200 -20.39 -10.71 -11.20
C HIS B 200 -20.15 -12.11 -10.62
N VAL B 201 -21.11 -13.02 -10.79
CA VAL B 201 -21.00 -14.45 -10.37
C VAL B 201 -20.84 -15.29 -11.63
N TYR B 202 -19.70 -15.96 -11.78
CA TYR B 202 -19.40 -16.93 -12.86
C TYR B 202 -19.61 -18.34 -12.28
N ASP B 203 -20.64 -19.04 -12.77
CA ASP B 203 -20.97 -20.41 -12.30
C ASP B 203 -21.61 -21.16 -13.47
N TYR B 204 -20.83 -21.98 -14.14
CA TYR B 204 -21.25 -22.80 -15.31
C TYR B 204 -21.97 -24.04 -14.79
#